data_7AX2
#
_entry.id   7AX2
#
_cell.length_a   133.517
_cell.length_b   133.517
_cell.length_c   70.093
_cell.angle_alpha   90.000
_cell.angle_beta   90.000
_cell.angle_gamma   90.000
#
_symmetry.space_group_name_H-M   'I 41 2 2'
#
loop_
_entity.id
_entity.type
_entity.pdbx_description
1 polymer Scone-E
2 non-polymer 'Keggin (STA)'
3 non-polymer 'Monolacunary Keggin (STA)'
4 non-polymer 'SODIUM ION'
5 water water
#
_entity_poly.entity_id   1
_entity_poly.type   'polypeptide(L)'
_entity_poly.pdbx_seq_one_letter_code
;GSHMDGTEKWRFKTNDAITSAASIGKDGTIYFGSDKVYAINPDGTEKWNFYAGYWTVTRPAISEDGTIYVTSLDGHLYAI
NPDGTEKWRFKTEKRIESSPVIGNTDTIYFGSYDGHLYAINPDGTEKWRFKTNDAITSAASIGKDGTIYFGSDKVYAINP
DGTEKWNFYAGYWTVTRPAISEDGTIYVTSLDGHLYAINPDGTEKWRFKTEKRIESSPVIGNTDTIYFGSYDGHLYAINP
DGTEKWRFKTNDAITSAASIGKDGTIYFGSDKVYAINPDGTEKWNFYAGYWTVTRPAISEDGTIYVTSLDGHLYAINPDG
TEKWRFKTEKRIESSPVIGNTDTIYFGSYDGHLYAINP
;
_entity_poly.pdbx_strand_id   A
#
# COMPACT_ATOMS: atom_id res chain seq x y z
N ILE A 18 8.63 11.29 -1.51
CA ILE A 18 9.65 12.04 -0.72
C ILE A 18 9.81 11.32 0.62
N THR A 19 8.71 10.97 1.26
CA THR A 19 8.69 10.20 2.50
C THR A 19 7.63 9.12 2.31
N SER A 20 8.04 7.88 2.47
CA SER A 20 7.12 6.77 2.30
C SER A 20 6.24 6.60 3.55
N ALA A 21 5.16 5.87 3.38
CA ALA A 21 4.42 5.36 4.52
C ALA A 21 5.26 4.32 5.26
N ALA A 22 4.85 4.01 6.48
CA ALA A 22 5.59 3.06 7.29
C ALA A 22 5.14 1.64 7.00
N SER A 23 6.08 0.70 7.14
CA SER A 23 5.81 -0.72 7.17
C SER A 23 6.36 -1.30 8.45
N ILE A 24 5.67 -2.30 9.00
CA ILE A 24 5.96 -2.81 10.33
C ILE A 24 6.49 -4.24 10.23
N GLY A 25 7.68 -4.46 10.77
CA GLY A 25 8.25 -5.80 10.82
C GLY A 25 7.62 -6.66 11.91
N LYS A 26 8.04 -7.93 11.91
CA LYS A 26 7.43 -8.90 12.82
C LYS A 26 7.75 -8.61 14.29
N ASP A 27 8.89 -7.96 14.57
CA ASP A 27 9.22 -7.59 15.93
C ASP A 27 8.75 -6.18 16.29
N GLY A 28 7.87 -5.59 15.48
CA GLY A 28 7.35 -4.27 15.72
C GLY A 28 8.18 -3.14 15.16
N THR A 29 9.36 -3.43 14.59
CA THR A 29 10.18 -2.40 14.00
C THR A 29 9.42 -1.67 12.89
N ILE A 30 9.55 -0.34 12.89
CA ILE A 30 8.88 0.51 11.92
C ILE A 30 9.90 0.97 10.90
N TYR A 31 9.67 0.64 9.63
CA TYR A 31 10.51 1.06 8.53
C TYR A 31 9.79 2.08 7.68
N PHE A 32 10.50 3.12 7.27
CA PHE A 32 10.01 3.98 6.21
C PHE A 32 11.21 4.55 5.44
N GLY A 33 10.92 5.01 4.22
CA GLY A 33 11.94 5.54 3.34
C GLY A 33 11.76 7.03 3.11
N SER A 34 12.90 7.74 3.14
CA SER A 34 12.97 9.13 2.69
C SER A 34 14.36 9.36 2.12
N ASP A 35 15.14 10.26 2.74
CA ASP A 35 16.55 10.37 2.33
C ASP A 35 17.28 9.05 2.56
N LYS A 36 16.92 8.33 3.61
CA LYS A 36 17.44 7.01 3.90
C LYS A 36 16.28 6.07 4.18
N VAL A 37 16.58 4.78 4.28
CA VAL A 37 15.67 3.82 4.87
C VAL A 37 15.90 3.81 6.38
N TYR A 38 14.85 4.04 7.16
CA TYR A 38 14.96 4.13 8.60
C TYR A 38 14.32 2.90 9.25
N ALA A 39 15.00 2.35 10.24
CA ALA A 39 14.46 1.27 11.08
C ALA A 39 14.27 1.85 12.47
N ILE A 40 13.03 1.97 12.91
CA ILE A 40 12.68 2.62 14.16
C ILE A 40 12.14 1.57 15.13
N ASN A 41 12.72 1.50 16.33
CA ASN A 41 12.17 0.66 17.38
C ASN A 41 10.84 1.22 17.88
N PRO A 42 9.98 0.38 18.45
CA PRO A 42 8.65 0.84 18.87
C PRO A 42 8.66 1.88 19.97
N ASP A 43 9.77 2.09 20.69
CA ASP A 43 9.83 3.17 21.66
C ASP A 43 10.22 4.51 21.03
N GLY A 44 10.37 4.56 19.70
CA GLY A 44 10.72 5.78 19.03
C GLY A 44 12.20 6.00 18.83
N THR A 45 13.04 5.08 19.30
CA THR A 45 14.50 5.21 19.10
C THR A 45 14.90 4.61 17.75
N GLU A 46 15.84 5.24 17.10
CA GLU A 46 16.29 4.75 15.81
C GLU A 46 17.12 3.49 16.00
N LYS A 47 16.77 2.44 15.27
CA LYS A 47 17.53 1.20 15.29
C LYS A 47 18.72 1.27 14.32
N TRP A 48 18.44 1.60 13.06
CA TRP A 48 19.50 1.94 12.12
C TRP A 48 18.88 2.73 10.97
N ASN A 49 19.74 3.34 10.16
CA ASN A 49 19.34 3.91 8.90
C ASN A 49 20.26 3.37 7.82
N PHE A 50 19.74 3.28 6.59
CA PHE A 50 20.46 2.69 5.48
C PHE A 50 20.42 3.64 4.30
N TYR A 51 21.58 3.92 3.73
CA TYR A 51 21.69 4.78 2.55
C TYR A 51 21.43 3.94 1.30
N ALA A 52 20.28 4.14 0.67
CA ALA A 52 19.92 3.44 -0.54
C ALA A 52 19.97 4.41 -1.72
N GLY A 53 21.19 4.70 -2.17
CA GLY A 53 21.33 5.64 -3.27
C GLY A 53 20.87 7.05 -2.90
N TYR A 54 20.73 7.87 -3.95
CA TYR A 54 20.43 9.29 -3.76
C TYR A 54 19.22 9.51 -2.87
N TRP A 55 18.18 8.70 -3.03
CA TRP A 55 16.94 8.87 -2.27
C TRP A 55 16.08 7.63 -2.45
N THR A 56 15.28 7.34 -1.42
CA THR A 56 14.31 6.25 -1.48
C THR A 56 12.99 6.75 -2.03
N VAL A 57 12.35 5.93 -2.86
CA VAL A 57 11.15 6.34 -3.56
C VAL A 57 9.98 5.40 -3.35
N THR A 58 10.16 4.28 -2.64
CA THR A 58 9.07 3.34 -2.43
C THR A 58 8.87 3.09 -0.94
N ARG A 59 7.65 2.71 -0.60
CA ARG A 59 7.37 2.18 0.72
C ARG A 59 8.07 0.84 0.90
N PRO A 60 8.86 0.66 1.95
CA PRO A 60 9.60 -0.60 2.11
C PRO A 60 8.68 -1.80 2.19
N ALA A 61 9.05 -2.86 1.47
CA ALA A 61 8.35 -4.13 1.50
C ALA A 61 9.17 -5.13 2.30
N ILE A 62 8.51 -5.92 3.12
CA ILE A 62 9.19 -6.80 4.07
C ILE A 62 8.83 -8.24 3.78
N SER A 63 9.84 -9.04 3.42
CA SER A 63 9.74 -10.47 3.23
C SER A 63 9.42 -11.16 4.55
N GLU A 64 9.01 -12.44 4.45
CA GLU A 64 8.72 -13.22 5.65
C GLU A 64 9.98 -13.54 6.45
N ASP A 65 11.15 -13.47 5.84
CA ASP A 65 12.41 -13.66 6.53
C ASP A 65 13.02 -12.35 7.01
N GLY A 66 12.32 -11.23 6.83
CA GLY A 66 12.74 -9.95 7.35
C GLY A 66 13.53 -9.07 6.41
N THR A 67 13.78 -9.52 5.19
CA THR A 67 14.47 -8.66 4.22
C THR A 67 13.59 -7.47 3.87
N ILE A 68 14.21 -6.30 3.77
CA ILE A 68 13.52 -5.05 3.46
C ILE A 68 13.91 -4.64 2.04
N TYR A 69 12.89 -4.37 1.21
CA TYR A 69 13.10 -4.00 -0.19
C TYR A 69 12.59 -2.58 -0.43
N VAL A 70 13.44 -1.76 -1.05
CA VAL A 70 13.06 -0.43 -1.49
C VAL A 70 13.66 -0.20 -2.87
N THR A 71 13.05 0.73 -3.59
CA THR A 71 13.61 1.25 -4.83
C THR A 71 14.25 2.60 -4.56
N SER A 72 15.34 2.88 -5.28
CA SER A 72 16.09 4.10 -5.09
C SER A 72 15.97 4.97 -6.33
N LEU A 73 16.10 6.27 -6.12
CA LEU A 73 16.23 7.21 -7.23
C LEU A 73 17.42 6.91 -8.11
N ASP A 74 18.40 6.12 -7.63
CA ASP A 74 19.58 5.78 -8.43
C ASP A 74 19.34 4.61 -9.37
N GLY A 75 18.10 4.11 -9.49
CA GLY A 75 17.76 3.09 -10.46
C GLY A 75 17.82 1.66 -9.99
N HIS A 76 18.02 1.40 -8.70
CA HIS A 76 18.21 0.06 -8.19
C HIS A 76 17.09 -0.34 -7.24
N LEU A 77 16.76 -1.63 -7.24
CA LEU A 77 16.02 -2.25 -6.15
C LEU A 77 17.03 -2.72 -5.11
N TYR A 78 16.88 -2.25 -3.87
CA TYR A 78 17.77 -2.60 -2.77
C TYR A 78 17.12 -3.68 -1.91
N ALA A 79 17.87 -4.73 -1.63
CA ALA A 79 17.49 -5.72 -0.63
C ALA A 79 18.36 -5.49 0.60
N ILE A 80 17.74 -5.28 1.75
CA ILE A 80 18.42 -4.88 2.97
C ILE A 80 18.16 -5.94 4.04
N ASN A 81 19.23 -6.40 4.69
CA ASN A 81 19.09 -7.36 5.77
C ASN A 81 18.49 -6.69 7.01
N PRO A 82 17.87 -7.46 7.90
CA PRO A 82 17.27 -6.86 9.11
C PRO A 82 18.25 -6.10 9.98
N ASP A 83 19.55 -6.37 9.88
CA ASP A 83 20.55 -5.63 10.65
C ASP A 83 21.00 -4.36 9.95
N GLY A 84 20.33 -3.96 8.87
CA GLY A 84 20.68 -2.72 8.20
C GLY A 84 21.83 -2.81 7.23
N THR A 85 22.24 -4.01 6.82
CA THR A 85 23.32 -4.17 5.86
C THR A 85 22.74 -4.51 4.49
N GLU A 86 23.45 -4.09 3.45
CA GLU A 86 23.02 -4.33 2.08
C GLU A 86 23.12 -5.82 1.76
N LYS A 87 22.00 -6.40 1.30
CA LYS A 87 21.99 -7.78 0.83
C LYS A 87 22.34 -7.88 -0.66
N TRP A 88 21.63 -7.15 -1.51
CA TRP A 88 22.02 -7.06 -2.92
C TRP A 88 21.28 -5.90 -3.57
N ARG A 89 21.67 -5.60 -4.81
CA ARG A 89 21.02 -4.60 -5.64
C ARG A 89 20.60 -5.24 -6.96
N PHE A 90 19.45 -4.81 -7.46
CA PHE A 90 19.00 -5.17 -8.80
C PHE A 90 18.82 -3.87 -9.60
N LYS A 91 19.56 -3.73 -10.69
CA LYS A 91 19.44 -2.55 -11.53
C LYS A 91 18.20 -2.69 -12.40
N THR A 92 17.29 -1.73 -12.30
CA THR A 92 16.07 -1.73 -13.08
C THR A 92 16.37 -1.08 -14.43
N GLU A 93 16.09 -1.80 -15.52
CA GLU A 93 16.27 -1.24 -16.84
C GLU A 93 15.45 0.03 -17.01
N LYS A 94 14.13 -0.10 -16.87
CA LYS A 94 13.20 1.01 -17.03
C LYS A 94 12.85 1.62 -15.68
N ARG A 95 12.42 2.89 -15.72
CA ARG A 95 11.96 3.57 -14.51
C ARG A 95 10.80 2.80 -13.90
N ILE A 96 10.94 2.48 -12.61
CA ILE A 96 9.94 1.67 -11.91
C ILE A 96 8.83 2.59 -11.42
N GLU A 97 7.58 2.20 -11.66
CA GLU A 97 6.42 2.98 -11.28
C GLU A 97 5.54 2.27 -10.25
N SER A 98 5.85 1.02 -9.90
CA SER A 98 5.15 0.29 -8.87
C SER A 98 6.09 -0.03 -7.71
N SER A 99 5.54 -0.04 -6.50
CA SER A 99 6.41 -0.43 -5.40
C SER A 99 6.56 -1.95 -5.36
N PRO A 100 7.71 -2.46 -4.91
CA PRO A 100 7.89 -3.91 -4.81
C PRO A 100 6.79 -4.57 -3.98
N VAL A 101 6.34 -5.72 -4.47
CA VAL A 101 5.37 -6.56 -3.77
C VAL A 101 5.96 -7.95 -3.63
N ILE A 102 5.85 -8.53 -2.44
CA ILE A 102 6.45 -9.83 -2.17
C ILE A 102 5.41 -10.92 -2.39
N GLY A 103 5.75 -11.88 -3.23
CA GLY A 103 4.87 -12.99 -3.50
C GLY A 103 4.84 -13.96 -2.32
N ASN A 104 4.16 -15.08 -2.54
CA ASN A 104 3.97 -16.06 -1.48
C ASN A 104 5.22 -16.86 -1.20
N THR A 105 6.14 -16.95 -2.16
CA THR A 105 7.43 -17.62 -1.92
C THR A 105 8.59 -16.66 -2.18
N ASP A 106 8.52 -15.46 -1.60
CA ASP A 106 9.63 -14.51 -1.53
C ASP A 106 10.01 -13.92 -2.88
N THR A 107 9.17 -14.07 -3.91
CA THR A 107 9.40 -13.40 -5.19
C THR A 107 8.97 -11.94 -5.08
N ILE A 108 9.68 -11.07 -5.81
CA ILE A 108 9.47 -9.62 -5.73
C ILE A 108 8.94 -9.14 -7.08
N TYR A 109 7.79 -8.45 -7.05
CA TYR A 109 7.14 -7.96 -8.25
C TYR A 109 7.03 -6.44 -8.21
N PHE A 110 7.34 -5.81 -9.33
CA PHE A 110 7.13 -4.37 -9.50
C PHE A 110 6.98 -4.07 -10.98
N GLY A 111 6.44 -2.89 -11.28
CA GLY A 111 6.09 -2.53 -12.65
C GLY A 111 6.84 -1.30 -13.11
N SER A 112 7.05 -1.21 -14.42
CA SER A 112 7.79 -0.13 -15.03
C SER A 112 6.85 0.83 -15.76
N TYR A 113 7.41 1.98 -16.15
CA TYR A 113 6.62 3.04 -16.75
C TYR A 113 6.09 2.68 -18.13
N ASP A 114 6.69 1.70 -18.81
CA ASP A 114 6.24 1.34 -20.14
C ASP A 114 5.48 0.00 -20.16
N GLY A 115 5.11 -0.52 -19.01
CA GLY A 115 4.23 -1.67 -18.94
C GLY A 115 4.87 -3.02 -18.68
N HIS A 116 6.11 -3.05 -18.21
CA HIS A 116 6.80 -4.30 -17.89
C HIS A 116 6.58 -4.63 -16.42
N LEU A 117 6.02 -5.80 -16.14
CA LEU A 117 5.97 -6.34 -14.79
C LEU A 117 7.15 -7.29 -14.61
N TYR A 118 8.00 -7.01 -13.64
CA TYR A 118 9.16 -7.85 -13.36
C TYR A 118 8.91 -8.75 -12.15
N ALA A 119 9.47 -9.95 -12.20
CA ALA A 119 9.52 -10.86 -11.07
C ALA A 119 10.98 -11.14 -10.76
N ILE A 120 11.40 -10.84 -9.53
CA ILE A 120 12.78 -10.93 -9.11
C ILE A 120 12.89 -12.04 -8.08
N ASN A 121 13.82 -12.97 -8.31
CA ASN A 121 14.07 -14.02 -7.33
C ASN A 121 14.67 -13.41 -6.06
N PRO A 122 14.44 -14.02 -4.91
CA PRO A 122 15.00 -13.48 -3.65
C PRO A 122 16.53 -13.40 -3.63
N ASP A 123 17.23 -13.91 -4.63
CA ASP A 123 18.68 -13.80 -4.69
C ASP A 123 19.14 -12.67 -5.59
N GLY A 124 18.24 -11.80 -6.03
CA GLY A 124 18.60 -10.66 -6.84
C GLY A 124 18.63 -10.91 -8.32
N THR A 125 18.24 -12.10 -8.78
CA THR A 125 18.18 -12.42 -10.19
C THR A 125 16.76 -12.33 -10.72
N GLU A 126 16.63 -11.91 -11.97
CA GLU A 126 15.32 -11.75 -12.58
C GLU A 126 14.70 -13.11 -12.89
N LYS A 127 13.45 -13.31 -12.45
CA LYS A 127 12.73 -14.53 -12.77
C LYS A 127 12.07 -14.45 -14.15
N TRP A 128 11.20 -13.46 -14.36
CA TRP A 128 10.60 -13.24 -15.67
C TRP A 128 10.15 -11.78 -15.75
N ARG A 129 9.70 -11.40 -16.95
CA ARG A 129 9.08 -10.11 -17.19
C ARG A 129 7.85 -10.32 -18.06
N PHE A 130 6.82 -9.52 -17.82
CA PHE A 130 5.55 -9.62 -18.53
C PHE A 130 5.21 -8.24 -19.09
N LYS A 131 5.09 -8.14 -20.42
CA LYS A 131 4.79 -6.88 -21.07
C LYS A 131 3.29 -6.68 -21.18
N THR A 132 2.83 -5.50 -20.80
CA THR A 132 1.48 -5.02 -21.10
C THR A 132 1.59 -3.83 -22.04
N ASN A 133 0.44 -3.37 -22.52
CA ASN A 133 0.45 -2.30 -23.51
C ASN A 133 0.87 -0.95 -22.91
N ASP A 134 0.52 -0.69 -21.65
CA ASP A 134 0.67 0.65 -21.11
C ASP A 134 1.27 0.61 -19.70
N ALA A 135 1.49 1.80 -19.16
CA ALA A 135 2.21 1.98 -17.90
C ALA A 135 1.56 1.21 -16.76
N ILE A 136 2.39 0.72 -15.84
CA ILE A 136 1.95 0.11 -14.60
C ILE A 136 2.35 1.06 -13.48
N THR A 137 1.39 1.83 -12.96
CA THR A 137 1.66 2.86 -11.97
C THR A 137 1.13 2.54 -10.58
N SER A 138 0.51 1.38 -10.40
CA SER A 138 0.08 0.95 -9.07
C SER A 138 0.59 -0.45 -8.79
N ALA A 139 0.65 -0.78 -7.50
CA ALA A 139 1.25 -2.01 -7.02
C ALA A 139 0.36 -3.22 -7.31
N ALA A 140 0.99 -4.37 -7.41
CA ALA A 140 0.29 -5.64 -7.55
C ALA A 140 -0.18 -6.14 -6.19
N SER A 141 -1.11 -7.09 -6.24
CA SER A 141 -1.57 -7.82 -5.05
C SER A 141 -1.59 -9.30 -5.37
N ILE A 142 -1.39 -10.12 -4.33
CA ILE A 142 -1.12 -11.54 -4.50
C ILE A 142 -2.24 -12.35 -3.85
N GLY A 143 -2.85 -13.24 -4.63
CA GLY A 143 -3.84 -14.15 -4.11
C GLY A 143 -3.22 -15.28 -3.30
N LYS A 144 -4.10 -16.05 -2.66
CA LYS A 144 -3.64 -17.14 -1.79
C LYS A 144 -2.87 -18.20 -2.58
N ASP A 145 -3.22 -18.42 -3.84
CA ASP A 145 -2.54 -19.41 -4.66
C ASP A 145 -1.39 -18.81 -5.46
N GLY A 146 -0.96 -17.59 -5.13
CA GLY A 146 0.18 -16.97 -5.76
C GLY A 146 -0.11 -16.13 -6.97
N THR A 147 -1.37 -16.08 -7.42
CA THR A 147 -1.73 -15.25 -8.57
C THR A 147 -1.40 -13.80 -8.29
N ILE A 148 -0.94 -13.11 -9.32
CA ILE A 148 -0.53 -11.71 -9.22
C ILE A 148 -1.56 -10.86 -9.94
N TYR A 149 -2.22 -9.98 -9.20
CA TYR A 149 -3.25 -9.11 -9.75
C TYR A 149 -2.74 -7.67 -9.78
N PHE A 150 -2.90 -7.02 -10.92
CA PHE A 150 -2.60 -5.60 -10.99
C PHE A 150 -3.48 -4.96 -12.05
N GLY A 151 -3.69 -3.65 -11.89
CA GLY A 151 -4.51 -2.88 -12.79
C GLY A 151 -3.69 -2.02 -13.73
N SER A 152 -4.37 -1.49 -14.74
CA SER A 152 -3.75 -0.70 -15.79
C SER A 152 -4.85 -0.25 -16.74
N ASP A 153 -4.68 -0.53 -18.03
CA ASP A 153 -5.81 -0.47 -18.96
C ASP A 153 -6.83 -1.55 -18.63
N LYS A 154 -6.37 -2.74 -18.26
CA LYS A 154 -7.21 -3.80 -17.74
C LYS A 154 -6.73 -4.18 -16.34
N VAL A 155 -7.50 -5.02 -15.67
CA VAL A 155 -7.01 -5.79 -14.54
C VAL A 155 -6.43 -7.09 -15.09
N TYR A 156 -5.16 -7.35 -14.76
CA TYR A 156 -4.49 -8.57 -15.21
C TYR A 156 -4.33 -9.53 -14.03
N ALA A 157 -4.49 -10.82 -14.31
CA ALA A 157 -4.13 -11.87 -13.37
C ALA A 157 -3.02 -12.71 -14.00
N ILE A 158 -1.86 -12.74 -13.36
CA ILE A 158 -0.71 -13.48 -13.86
C ILE A 158 -0.44 -14.64 -12.93
N ASN A 159 -0.25 -15.83 -13.51
CA ASN A 159 0.20 -16.97 -12.74
C ASN A 159 1.62 -16.75 -12.23
N PRO A 160 2.01 -17.43 -11.14
CA PRO A 160 3.37 -17.23 -10.61
C PRO A 160 4.46 -17.61 -11.59
N ASP A 161 4.17 -18.47 -12.57
CA ASP A 161 5.15 -18.83 -13.58
C ASP A 161 5.31 -17.77 -14.67
N GLY A 162 4.54 -16.70 -14.61
CA GLY A 162 4.68 -15.60 -15.53
C GLY A 162 3.79 -15.65 -16.74
N THR A 163 2.97 -16.70 -16.88
CA THR A 163 2.00 -16.75 -17.96
C THR A 163 0.71 -16.09 -17.50
N GLU A 164 0.01 -15.46 -18.44
CA GLU A 164 -1.21 -14.75 -18.09
C GLU A 164 -2.33 -15.74 -17.76
N LYS A 165 -3.06 -15.46 -16.68
CA LYS A 165 -4.22 -16.26 -16.34
C LYS A 165 -5.49 -15.73 -17.00
N TRP A 166 -5.79 -14.45 -16.78
CA TRP A 166 -6.91 -13.80 -17.47
C TRP A 166 -6.74 -12.29 -17.32
N ASN A 167 -7.58 -11.54 -18.03
CA ASN A 167 -7.64 -10.11 -17.87
C ASN A 167 -9.10 -9.67 -17.85
N PHE A 168 -9.35 -8.53 -17.22
CA PHE A 168 -10.70 -8.06 -16.97
C PHE A 168 -10.81 -6.58 -17.35
N TYR A 169 -11.82 -6.24 -18.13
CA TYR A 169 -12.00 -4.86 -18.57
C TYR A 169 -12.53 -3.99 -17.43
N TRP A 173 -10.06 3.14 -16.86
CA TRP A 173 -8.70 2.96 -16.36
C TRP A 173 -8.70 2.88 -14.83
N THR A 174 -7.68 2.23 -14.28
CA THR A 174 -7.53 2.08 -12.85
C THR A 174 -6.14 2.57 -12.44
N VAL A 175 -6.10 3.40 -11.40
CA VAL A 175 -4.86 3.95 -10.88
C VAL A 175 -4.59 3.47 -9.46
N THR A 176 -5.24 2.37 -9.05
CA THR A 176 -5.21 1.90 -7.68
C THR A 176 -4.81 0.43 -7.65
N ARG A 177 -4.72 -0.12 -6.45
CA ARG A 177 -4.22 -1.45 -6.14
C ARG A 177 -5.36 -2.39 -5.75
N PRO A 178 -5.34 -3.63 -6.24
CA PRO A 178 -6.41 -4.56 -5.91
C PRO A 178 -6.34 -4.98 -4.45
N ALA A 179 -7.52 -5.13 -3.84
CA ALA A 179 -7.67 -5.70 -2.52
C ALA A 179 -8.27 -7.10 -2.67
N ILE A 180 -7.75 -8.05 -1.89
CA ILE A 180 -8.11 -9.46 -2.00
C ILE A 180 -8.70 -9.89 -0.67
N SER A 181 -9.92 -10.43 -0.70
CA SER A 181 -10.54 -10.94 0.51
C SER A 181 -10.08 -12.36 0.79
N GLU A 182 -10.53 -12.91 1.92
CA GLU A 182 -10.11 -14.25 2.31
C GLU A 182 -10.66 -15.33 1.38
N ASP A 183 -11.82 -15.07 0.76
CA ASP A 183 -12.44 -16.05 -0.15
C ASP A 183 -11.91 -15.90 -1.58
N GLY A 184 -10.97 -14.99 -1.81
CA GLY A 184 -10.36 -14.82 -3.11
C GLY A 184 -10.95 -13.73 -3.99
N THR A 185 -12.07 -13.12 -3.59
CA THR A 185 -12.65 -12.05 -4.39
C THR A 185 -11.67 -10.89 -4.51
N ILE A 186 -11.57 -10.33 -5.72
CA ILE A 186 -10.67 -9.22 -6.02
C ILE A 186 -11.50 -7.95 -6.15
N TYR A 187 -11.13 -6.92 -5.39
CA TYR A 187 -11.82 -5.64 -5.44
C TYR A 187 -10.90 -4.60 -6.05
N VAL A 188 -11.42 -3.85 -7.03
CA VAL A 188 -10.66 -2.83 -7.73
C VAL A 188 -11.54 -1.59 -7.83
N THR A 189 -10.94 -0.43 -7.59
CA THR A 189 -11.63 0.85 -7.79
C THR A 189 -11.13 1.47 -9.08
N SER A 190 -12.06 1.85 -9.96
CA SER A 190 -11.71 2.51 -11.20
C SER A 190 -11.79 4.02 -11.01
N LEU A 191 -11.14 4.74 -11.94
CA LEU A 191 -11.03 6.18 -11.77
C LEU A 191 -12.37 6.88 -11.92
N ASP A 192 -13.27 6.34 -12.75
CA ASP A 192 -14.59 6.92 -12.94
C ASP A 192 -15.56 6.58 -11.82
N GLY A 193 -15.12 5.85 -10.81
CA GLY A 193 -15.91 5.68 -9.61
C GLY A 193 -16.58 4.34 -9.41
N HIS A 194 -16.22 3.32 -10.16
CA HIS A 194 -16.76 2.00 -9.93
C HIS A 194 -15.90 1.24 -8.92
N LEU A 195 -16.55 0.47 -8.07
CA LEU A 195 -15.89 -0.60 -7.32
C LEU A 195 -16.34 -1.92 -7.94
N TYR A 196 -15.38 -2.66 -8.49
CA TYR A 196 -15.66 -3.97 -9.08
C TYR A 196 -15.28 -5.07 -8.11
N ALA A 197 -16.19 -6.00 -7.89
CA ALA A 197 -15.89 -7.26 -7.23
C ALA A 197 -15.72 -8.33 -8.30
N ILE A 198 -14.52 -8.90 -8.38
CA ILE A 198 -14.18 -9.84 -9.44
C ILE A 198 -13.94 -11.21 -8.81
N ASN A 199 -14.51 -12.24 -9.41
CA ASN A 199 -14.30 -13.61 -8.96
C ASN A 199 -12.90 -14.09 -9.37
N PRO A 200 -12.37 -15.09 -8.67
CA PRO A 200 -11.02 -15.58 -9.02
C PRO A 200 -10.91 -16.16 -10.43
N ASP A 201 -12.01 -16.58 -11.04
CA ASP A 201 -11.95 -17.01 -12.44
C ASP A 201 -12.05 -15.84 -13.40
N GLY A 202 -12.07 -14.62 -12.89
CA GLY A 202 -12.05 -13.45 -13.75
C GLY A 202 -13.38 -12.98 -14.27
N THR A 203 -14.48 -13.51 -13.75
CA THR A 203 -15.81 -13.05 -14.09
C THR A 203 -16.27 -12.03 -13.07
N GLU A 204 -17.05 -11.04 -13.53
CA GLU A 204 -17.52 -10.00 -12.63
C GLU A 204 -18.51 -10.57 -11.62
N LYS A 205 -18.28 -10.29 -10.35
CA LYS A 205 -19.24 -10.64 -9.30
C LYS A 205 -20.30 -9.55 -9.16
N TRP A 206 -19.87 -8.31 -8.98
CA TRP A 206 -20.77 -7.15 -9.06
C TRP A 206 -19.93 -5.91 -9.24
N ARG A 207 -20.61 -4.81 -9.56
CA ARG A 207 -20.00 -3.49 -9.57
C ARG A 207 -20.91 -2.53 -8.83
N PHE A 208 -20.29 -1.57 -8.15
CA PHE A 208 -20.99 -0.50 -7.44
C PHE A 208 -20.50 0.83 -8.01
N LYS A 209 -21.45 1.67 -8.43
CA LYS A 209 -21.12 2.93 -9.08
C LYS A 209 -21.29 4.08 -8.09
N THR A 210 -20.23 4.86 -7.91
CA THR A 210 -20.28 6.05 -7.07
C THR A 210 -20.43 7.34 -7.87
N GLU A 211 -20.13 7.32 -9.16
CA GLU A 211 -20.12 8.51 -10.01
C GLU A 211 -19.17 9.59 -9.49
N LYS A 212 -18.13 9.20 -8.75
CA LYS A 212 -17.13 10.14 -8.25
C LYS A 212 -15.74 9.63 -8.60
N ARG A 213 -14.84 10.58 -8.85
CA ARG A 213 -13.45 10.23 -9.10
C ARG A 213 -12.84 9.56 -7.88
N ILE A 214 -12.25 8.38 -8.09
CA ILE A 214 -11.63 7.62 -7.02
C ILE A 214 -10.16 7.44 -7.36
N GLU A 215 -9.28 7.89 -6.46
CA GLU A 215 -7.84 7.73 -6.59
C GLU A 215 -7.23 6.99 -5.40
N SER A 216 -8.05 6.17 -4.72
CA SER A 216 -7.62 5.49 -3.51
C SER A 216 -7.94 4.00 -3.57
N SER A 217 -6.98 3.20 -3.16
CA SER A 217 -7.11 1.75 -3.21
C SER A 217 -8.02 1.25 -2.10
N PRO A 218 -8.84 0.24 -2.38
CA PRO A 218 -9.75 -0.27 -1.35
C PRO A 218 -9.00 -1.05 -0.29
N VAL A 219 -9.64 -1.18 0.87
CA VAL A 219 -9.13 -2.01 1.96
C VAL A 219 -10.32 -2.74 2.56
N ILE A 220 -10.09 -3.99 2.99
CA ILE A 220 -11.16 -4.85 3.45
C ILE A 220 -11.07 -4.94 4.96
N GLY A 221 -12.13 -4.52 5.64
CA GLY A 221 -12.14 -4.46 7.08
C GLY A 221 -13.05 -5.45 7.76
N ASN A 222 -13.92 -4.93 8.63
CA ASN A 222 -14.70 -5.75 9.55
C ASN A 222 -15.83 -6.46 8.81
N THR A 223 -15.80 -7.79 8.83
CA THR A 223 -16.79 -8.63 8.16
C THR A 223 -16.79 -8.39 6.65
N ASP A 224 -15.58 -8.28 6.09
CA ASP A 224 -15.38 -8.14 4.64
C ASP A 224 -16.03 -6.88 4.07
N THR A 225 -16.27 -5.87 4.90
CA THR A 225 -16.64 -4.57 4.36
C THR A 225 -15.47 -3.97 3.59
N ILE A 226 -15.78 -3.28 2.50
CA ILE A 226 -14.78 -2.67 1.63
C ILE A 226 -14.87 -1.17 1.77
N TYR A 227 -13.72 -0.53 2.05
CA TYR A 227 -13.66 0.89 2.29
C TYR A 227 -12.73 1.54 1.27
N PHE A 228 -13.11 2.72 0.79
CA PHE A 228 -12.26 3.53 -0.07
C PHE A 228 -12.75 4.97 -0.03
N GLY A 229 -11.85 5.88 -0.39
CA GLY A 229 -12.14 7.31 -0.39
C GLY A 229 -12.38 7.83 -1.79
N SER A 230 -13.20 8.86 -1.89
CA SER A 230 -13.39 9.59 -3.14
C SER A 230 -12.59 10.87 -3.07
N TYR A 231 -12.16 11.35 -4.25
CA TYR A 231 -11.35 12.57 -4.31
C TYR A 231 -12.06 13.73 -3.62
N ASP A 232 -13.38 13.81 -3.76
CA ASP A 232 -14.14 14.94 -3.24
C ASP A 232 -14.43 14.85 -1.75
N GLY A 233 -13.84 13.90 -1.04
CA GLY A 233 -13.85 13.88 0.40
C GLY A 233 -14.86 12.98 1.08
N HIS A 234 -15.29 11.90 0.43
CA HIS A 234 -16.18 10.93 1.05
C HIS A 234 -15.42 9.63 1.24
N LEU A 235 -15.48 9.09 2.45
CA LEU A 235 -15.03 7.72 2.69
C LEU A 235 -16.24 6.78 2.58
N TYR A 236 -16.18 5.85 1.63
CA TYR A 236 -17.27 4.92 1.36
C TYR A 236 -17.04 3.60 2.07
N ALA A 237 -18.11 3.03 2.60
CA ALA A 237 -18.11 1.68 3.16
C ALA A 237 -19.12 0.84 2.39
N ILE A 238 -18.63 -0.21 1.74
CA ILE A 238 -19.46 -1.06 0.88
C ILE A 238 -19.53 -2.45 1.48
N ASN A 239 -20.74 -2.99 1.63
CA ASN A 239 -20.91 -4.37 2.05
C ASN A 239 -20.44 -5.32 0.97
N PRO A 240 -20.01 -6.53 1.34
CA PRO A 240 -19.54 -7.49 0.34
C PRO A 240 -20.63 -8.00 -0.59
N ASP A 241 -21.91 -7.70 -0.34
CA ASP A 241 -22.95 -8.06 -1.28
C ASP A 241 -23.18 -6.99 -2.34
N GLY A 242 -22.35 -5.94 -2.35
CA GLY A 242 -22.46 -4.90 -3.34
C GLY A 242 -23.38 -3.76 -2.99
N THR A 243 -23.85 -3.69 -1.75
CA THR A 243 -24.76 -2.65 -1.29
C THR A 243 -24.02 -1.64 -0.42
N GLU A 244 -24.43 -0.38 -0.53
CA GLU A 244 -23.81 0.68 0.24
C GLU A 244 -24.11 0.51 1.73
N LYS A 245 -23.10 0.73 2.57
CA LYS A 245 -23.21 0.68 4.05
C LYS A 245 -23.33 2.10 4.61
N TRP A 246 -22.32 2.94 4.47
CA TRP A 246 -22.40 4.35 4.86
C TRP A 246 -21.36 5.13 4.09
N ARG A 247 -21.43 6.45 4.24
CA ARG A 247 -20.38 7.38 3.86
C ARG A 247 -19.84 8.07 5.13
N PHE A 248 -18.75 8.79 4.94
CA PHE A 248 -18.27 9.70 5.98
C PHE A 248 -17.61 10.86 5.26
N LYS A 249 -18.09 12.07 5.54
CA LYS A 249 -17.63 13.25 4.83
C LYS A 249 -16.49 13.92 5.59
N THR A 250 -15.35 14.04 4.94
CA THR A 250 -14.37 15.06 5.30
C THR A 250 -14.58 16.25 4.38
N ASN A 251 -14.08 17.41 4.81
CA ASN A 251 -14.07 18.58 3.93
C ASN A 251 -12.70 18.83 3.34
N ASP A 252 -12.01 17.75 2.99
CA ASP A 252 -10.76 17.79 2.24
C ASP A 252 -10.71 16.56 1.33
N ALA A 253 -9.72 16.53 0.45
CA ALA A 253 -9.63 15.46 -0.54
C ALA A 253 -9.08 14.17 0.09
N ILE A 254 -9.56 13.04 -0.42
CA ILE A 254 -9.02 11.73 -0.07
C ILE A 254 -8.41 11.15 -1.34
N THR A 255 -7.10 10.97 -1.34
CA THR A 255 -6.40 10.38 -2.47
C THR A 255 -5.49 9.22 -2.05
N SER A 256 -5.69 8.69 -0.85
CA SER A 256 -4.88 7.62 -0.30
C SER A 256 -5.77 6.53 0.25
N ALA A 257 -5.17 5.37 0.53
CA ALA A 257 -5.93 4.24 1.04
C ALA A 257 -6.06 4.31 2.58
N ALA A 258 -7.06 3.61 3.08
CA ALA A 258 -7.32 3.49 4.51
C ALA A 258 -6.69 2.21 5.06
N SER A 259 -6.74 2.08 6.39
CA SER A 259 -6.23 0.93 7.13
C SER A 259 -7.20 0.59 8.25
N ILE A 260 -7.24 -0.68 8.63
CA ILE A 260 -8.17 -1.18 9.65
C ILE A 260 -7.39 -1.62 10.87
N GLY A 261 -7.84 -1.21 12.05
CA GLY A 261 -7.30 -1.74 13.29
C GLY A 261 -7.92 -3.08 13.67
N LYS A 262 -7.34 -3.70 14.71
CA LYS A 262 -7.80 -5.01 15.15
C LYS A 262 -9.23 -4.97 15.69
N ASP A 263 -9.70 -3.82 16.16
CA ASP A 263 -11.07 -3.66 16.63
C ASP A 263 -11.98 -3.08 15.57
N GLY A 264 -11.52 -2.99 14.32
CA GLY A 264 -12.35 -2.57 13.21
C GLY A 264 -12.33 -1.08 12.92
N THR A 265 -11.70 -0.26 13.77
CA THR A 265 -11.55 1.15 13.48
C THR A 265 -10.88 1.33 12.12
N ILE A 266 -11.37 2.31 11.35
CA ILE A 266 -10.84 2.60 10.04
C ILE A 266 -10.03 3.89 10.13
N TYR A 267 -8.78 3.83 9.69
CA TYR A 267 -7.85 4.96 9.77
C TYR A 267 -7.49 5.40 8.37
N PHE A 268 -7.60 6.70 8.11
CA PHE A 268 -7.15 7.26 6.84
C PHE A 268 -6.68 8.68 7.08
N GLY A 269 -6.03 9.24 6.07
CA GLY A 269 -5.50 10.59 6.12
C GLY A 269 -6.18 11.48 5.08
N SER A 270 -6.44 12.72 5.49
CA SER A 270 -6.90 13.75 4.57
C SER A 270 -6.20 15.04 4.98
N ASP A 271 -6.95 16.02 5.49
CA ASP A 271 -6.28 17.12 6.18
C ASP A 271 -5.70 16.65 7.52
N LYS A 272 -6.27 15.59 8.10
CA LYS A 272 -5.85 15.02 9.36
C LYS A 272 -5.83 13.51 9.25
N VAL A 273 -5.29 12.85 10.27
CA VAL A 273 -5.49 11.42 10.45
C VAL A 273 -6.84 11.20 11.13
N TYR A 274 -7.77 10.57 10.42
CA TYR A 274 -9.09 10.29 10.95
C TYR A 274 -9.16 8.85 11.46
N ALA A 275 -9.88 8.66 12.56
CA ALA A 275 -10.22 7.33 13.07
C ALA A 275 -11.74 7.21 13.08
N ILE A 276 -12.25 6.25 12.32
CA ILE A 276 -13.69 6.10 12.08
C ILE A 276 -14.13 4.76 12.66
N ASN A 277 -15.18 4.80 13.49
CA ASN A 277 -15.77 3.57 13.99
C ASN A 277 -16.44 2.79 12.86
N PRO A 278 -16.56 1.47 13.00
CA PRO A 278 -17.17 0.69 11.91
C PRO A 278 -18.61 1.06 11.62
N ASP A 279 -19.28 1.78 12.53
CA ASP A 279 -20.63 2.25 12.29
C ASP A 279 -20.68 3.57 11.53
N GLY A 280 -19.52 4.12 11.15
CA GLY A 280 -19.49 5.31 10.32
C GLY A 280 -19.32 6.62 11.06
N THR A 281 -19.26 6.61 12.38
CA THR A 281 -19.06 7.82 13.16
C THR A 281 -17.58 8.04 13.42
N GLU A 282 -17.21 9.31 13.61
CA GLU A 282 -15.83 9.67 13.92
C GLU A 282 -15.48 9.26 15.35
N LYS A 283 -14.36 8.57 15.51
CA LYS A 283 -13.83 8.29 16.84
C LYS A 283 -12.94 9.43 17.32
N TRP A 284 -11.88 9.74 16.56
CA TRP A 284 -11.10 10.95 16.78
C TRP A 284 -10.47 11.37 15.46
N ASN A 285 -9.76 12.49 15.49
CA ASN A 285 -8.92 12.95 14.40
C ASN A 285 -7.66 13.58 14.98
N PHE A 286 -6.54 13.41 14.26
CA PHE A 286 -5.22 13.82 14.76
C PHE A 286 -4.57 14.74 13.74
N TYR A 287 -4.10 15.89 14.22
CA TYR A 287 -3.40 16.83 13.34
C TYR A 287 -1.92 16.47 13.29
N ALA A 288 -1.41 16.24 12.09
CA ALA A 288 -0.02 15.84 11.90
C ALA A 288 0.69 16.79 10.93
N GLY A 289 0.36 18.07 10.98
CA GLY A 289 1.12 19.09 10.29
C GLY A 289 0.43 19.60 9.03
N TYR A 290 1.13 20.53 8.38
CA TYR A 290 0.63 21.21 7.19
C TYR A 290 0.77 20.38 5.93
N TRP A 291 1.47 19.26 5.99
CA TRP A 291 1.80 18.48 4.81
C TRP A 291 0.86 17.29 4.65
N THR A 292 0.86 16.73 3.44
CA THR A 292 0.12 15.50 3.20
C THR A 292 0.66 14.40 4.10
N VAL A 293 -0.25 13.60 4.63
CA VAL A 293 0.10 12.45 5.47
C VAL A 293 -0.13 11.18 4.68
N THR A 294 0.64 10.14 4.99
CA THR A 294 0.60 8.88 4.26
C THR A 294 -0.33 7.88 4.95
N ARG A 295 -0.58 6.77 4.25
CA ARG A 295 -1.50 5.73 4.72
C ARG A 295 -1.08 5.21 6.09
N PRO A 296 -1.97 5.19 7.06
CA PRO A 296 -1.56 4.76 8.42
C PRO A 296 -1.21 3.28 8.46
N ALA A 297 -0.17 2.97 9.22
CA ALA A 297 0.24 1.59 9.49
C ALA A 297 -0.08 1.24 10.94
N ILE A 298 -0.63 0.05 11.16
CA ILE A 298 -1.13 -0.36 12.47
C ILE A 298 -0.32 -1.57 12.95
N SER A 299 0.19 -1.48 14.17
CA SER A 299 0.92 -2.59 14.76
C SER A 299 -0.04 -3.49 15.53
N GLU A 300 0.49 -4.60 16.07
CA GLU A 300 -0.35 -5.56 16.76
C GLU A 300 -0.95 -4.98 18.03
N ASP A 301 -0.21 -4.09 18.68
CA ASP A 301 -0.65 -3.47 19.95
C ASP A 301 -1.62 -2.30 19.73
N GLY A 302 -1.96 -1.93 18.50
CA GLY A 302 -2.89 -0.86 18.22
C GLY A 302 -2.26 0.48 17.87
N THR A 303 -0.94 0.63 18.05
CA THR A 303 -0.27 1.87 17.70
C THR A 303 -0.41 2.15 16.22
N ILE A 304 -0.68 3.42 15.89
CA ILE A 304 -0.89 3.87 14.53
C ILE A 304 0.31 4.73 14.13
N TYR A 305 0.90 4.42 12.98
CA TYR A 305 2.06 5.16 12.51
C TYR A 305 1.71 5.85 11.20
N VAL A 306 2.04 7.13 11.10
CA VAL A 306 1.86 7.92 9.89
C VAL A 306 3.12 8.71 9.65
N THR A 307 3.44 8.95 8.37
CA THR A 307 4.53 9.83 8.00
C THR A 307 3.98 11.05 7.26
N SER A 308 4.71 12.16 7.38
CA SER A 308 4.38 13.37 6.65
C SER A 308 5.49 13.67 5.67
N LEU A 309 5.15 14.44 4.63
CA LEU A 309 6.07 14.69 3.52
C LEU A 309 7.38 15.29 4.00
N ASP A 310 7.35 16.07 5.07
CA ASP A 310 8.55 16.73 5.58
C ASP A 310 9.35 15.85 6.54
N GLY A 311 9.28 14.54 6.36
CA GLY A 311 10.14 13.62 7.11
C GLY A 311 9.83 13.47 8.58
N HIS A 312 8.57 13.50 8.96
CA HIS A 312 8.16 13.19 10.33
C HIS A 312 7.46 11.83 10.35
N LEU A 313 7.80 11.00 11.32
CA LEU A 313 7.10 9.75 11.59
C LEU A 313 6.39 9.90 12.93
N TYR A 314 5.06 9.83 12.90
CA TYR A 314 4.26 9.93 14.10
C TYR A 314 3.82 8.55 14.56
N ALA A 315 3.89 8.31 15.86
CA ALA A 315 3.30 7.15 16.50
C ALA A 315 2.13 7.62 17.35
N ILE A 316 0.94 7.10 17.06
CA ILE A 316 -0.30 7.58 17.65
C ILE A 316 -0.93 6.45 18.45
N ASN A 317 -1.27 6.74 19.71
CA ASN A 317 -1.99 5.79 20.53
C ASN A 317 -3.41 5.61 19.98
N PRO A 318 -4.00 4.43 20.17
CA PRO A 318 -5.36 4.21 19.65
C PRO A 318 -6.42 5.13 20.28
N ASP A 319 -6.11 5.81 21.38
CA ASP A 319 -7.01 6.84 21.87
C ASP A 319 -6.80 8.18 21.17
N GLY A 320 -5.87 8.25 20.22
CA GLY A 320 -5.67 9.45 19.43
C GLY A 320 -4.64 10.42 19.96
N THR A 321 -3.93 10.09 21.04
CA THR A 321 -2.87 10.95 21.55
C THR A 321 -1.53 10.55 20.95
N GLU A 322 -0.64 11.53 20.85
CA GLU A 322 0.67 11.30 20.26
C GLU A 322 1.54 10.47 21.20
N LYS A 323 2.06 9.36 20.69
CA LYS A 323 2.98 8.52 21.46
C LYS A 323 4.40 9.10 21.41
N TRP A 324 4.96 9.21 20.20
CA TRP A 324 6.22 9.91 19.98
C TRP A 324 6.28 10.34 18.52
N ARG A 325 7.31 11.11 18.20
CA ARG A 325 7.62 11.48 16.84
C ARG A 325 9.08 11.16 16.56
N PHE A 326 9.39 10.95 15.28
CA PHE A 326 10.74 10.78 14.79
C PHE A 326 10.91 11.66 13.56
N LYS A 327 12.09 12.26 13.42
CA LYS A 327 12.38 13.17 12.32
C LYS A 327 13.60 12.66 11.54
N THR A 328 13.52 12.76 10.21
CA THR A 328 14.60 12.31 9.35
C THR A 328 15.76 13.31 9.34
N GLU A 329 16.86 12.91 8.71
CA GLU A 329 18.08 13.71 8.72
C GLU A 329 18.01 14.85 7.70
N LYS A 330 17.60 14.55 6.47
CA LYS A 330 17.40 15.56 5.43
C LYS A 330 15.91 15.71 5.19
N ARG A 331 15.41 16.93 5.32
CA ARG A 331 13.97 17.17 5.29
C ARG A 331 13.64 18.60 4.88
#